data_2CK0
#
_entry.id   2CK0
#
_cell.length_a   84.220
_cell.length_b   84.220
_cell.length_c   142.310
_cell.angle_alpha   90.00
_cell.angle_beta   90.00
_cell.angle_gamma   90.00
#
_symmetry.space_group_name_H-M   'P 43 21 2'
#
loop_
_entity.id
_entity.type
_entity.pdbx_description
1 polymer 'PROTEIN (IMMUNOGLOBULIN; LIGHT CHAIN)'
2 polymer 'PROTEIN (IMMUNOGLOBULIN; HEAVY CHAIN)'
3 polymer 'PROTEIN (11-MER; CYCLIC PEPTIDE)'
4 water water
#
loop_
_entity_poly.entity_id
_entity_poly.type
_entity_poly.pdbx_seq_one_letter_code
_entity_poly.pdbx_strand_id
1 'polypeptide(L)'
;DIQLTQSPSSLAVSAGEKVTMNCKSSQNLLHSITRKNYLAWYRQKPGQSPKLLIYWASTRGSGVPDRFTGSGSGTDFTLT
ISSVQAEDLAVYYCKQSYNLYTFGGGTKLEIKRADAAPTVSIFPPSSEQLTSGGASVVCFLNNFYPKDINVKWKIDGSER
QNGVLNSWTDQDSKDSTYSMSSTLTLTKDEYERHNSYTCEATHKTSTSPIVKSFNR
;
L
2 'polypeptide(L)'
;QVQLQESGGGLVQPRGSLKLSCAASGFTFNTDAMNWVRQAPGKGLEWVARIRSKGFNFATYYADSVRDRFTISRDDSQSM
LYLQMNNLKTEDTGIYYCVRGRDGEAMDYWGQGTTLTVSSAKTTPPSVYPLAPGSAAQTNSMVTLGCLVKGYFPEPVTVT
WNSGSLSSGVHTFPAVLQSDLYTLSSSVTVPSSPRPSETVTCNVAHPASSTKVDKKIVN
;
H
3 'polypeptide(L)' CKEWLSTAPCG P
#
# COMPACT_ATOMS: atom_id res chain seq x y z
N ASP A 1 -9.09 -26.03 4.32
CA ASP A 1 -8.80 -24.61 4.38
C ASP A 1 -10.14 -23.88 4.50
N ILE A 2 -10.30 -23.12 5.56
CA ILE A 2 -11.53 -22.37 5.80
C ILE A 2 -11.51 -21.11 4.94
N GLN A 3 -12.56 -20.88 4.17
CA GLN A 3 -12.61 -19.70 3.33
C GLN A 3 -13.60 -18.66 3.86
N LEU A 4 -13.08 -17.47 4.12
CA LEU A 4 -13.90 -16.37 4.63
C LEU A 4 -14.30 -15.52 3.44
N THR A 5 -15.55 -15.08 3.38
CA THR A 5 -15.99 -14.23 2.28
C THR A 5 -16.57 -12.95 2.89
N GLN A 6 -16.18 -11.80 2.36
CA GLN A 6 -16.67 -10.53 2.88
C GLN A 6 -17.58 -9.79 1.88
N SER A 7 -18.43 -8.93 2.41
CA SER A 7 -19.38 -8.17 1.61
C SER A 7 -19.85 -6.95 2.41
N PRO A 8 -19.99 -5.80 1.74
CA PRO A 8 -19.74 -5.56 0.31
C PRO A 8 -18.25 -5.57 0.06
N SER A 9 -17.85 -5.44 -1.20
CA SER A 9 -16.43 -5.39 -1.54
C SER A 9 -15.96 -3.95 -1.33
N SER A 10 -16.91 -3.03 -1.39
CA SER A 10 -16.62 -1.62 -1.20
C SER A 10 -17.87 -1.00 -0.57
N LEU A 11 -17.66 0.07 0.18
CA LEU A 11 -18.73 0.77 0.85
C LEU A 11 -18.41 2.24 0.80
N ALA A 12 -19.44 3.07 0.81
CA ALA A 12 -19.24 4.50 0.78
C ALA A 12 -20.30 5.10 1.68
N VAL A 13 -19.87 5.71 2.77
CA VAL A 13 -20.81 6.32 3.69
C VAL A 13 -20.30 7.70 4.01
N SER A 14 -21.19 8.54 4.53
CA SER A 14 -20.83 9.90 4.87
C SER A 14 -20.29 9.98 6.28
N ALA A 15 -19.50 11.01 6.56
CA ALA A 15 -18.94 11.20 7.89
C ALA A 15 -20.07 11.42 8.90
N GLY A 16 -19.98 10.74 10.03
CA GLY A 16 -21.01 10.86 11.05
C GLY A 16 -21.97 9.68 11.01
N GLU A 17 -22.08 9.04 9.86
CA GLU A 17 -22.98 7.89 9.70
C GLU A 17 -22.38 6.64 10.32
N LYS A 18 -23.17 5.58 10.34
CA LYS A 18 -22.76 4.30 10.89
C LYS A 18 -22.74 3.33 9.71
N VAL A 19 -21.80 2.40 9.70
CA VAL A 19 -21.66 1.45 8.62
C VAL A 19 -21.55 0.02 9.14
N THR A 20 -22.05 -0.92 8.36
CA THR A 20 -22.02 -2.33 8.74
C THR A 20 -21.53 -3.19 7.59
N MET A 21 -20.50 -3.99 7.83
CA MET A 21 -19.96 -4.87 6.80
C MET A 21 -19.99 -6.30 7.33
N ASN A 22 -20.04 -7.27 6.43
CA ASN A 22 -20.13 -8.67 6.83
C ASN A 22 -18.97 -9.56 6.42
N CYS A 23 -18.82 -10.65 7.15
CA CYS A 23 -17.79 -11.65 6.90
C CYS A 23 -18.46 -12.99 7.18
N LYS A 24 -18.36 -13.93 6.24
CA LYS A 24 -18.96 -15.24 6.42
C LYS A 24 -17.94 -16.36 6.29
N SER A 25 -17.90 -17.22 7.29
CA SER A 25 -16.96 -18.32 7.31
C SER A 25 -17.53 -19.53 6.59
N SER A 26 -16.64 -20.31 5.97
CA SER A 26 -17.02 -21.51 5.23
C SER A 26 -17.21 -22.64 6.22
N GLN A 27 -16.55 -22.50 7.37
CA GLN A 27 -16.66 -23.48 8.43
C GLN A 27 -17.05 -22.75 9.70
N ASN A 28 -17.67 -23.46 10.63
CA ASN A 28 -18.09 -22.87 11.89
C ASN A 28 -16.88 -22.57 12.77
N LEU A 29 -16.78 -21.32 13.23
CA LEU A 29 -15.67 -20.90 14.05
C LEU A 29 -15.91 -20.92 15.57
N LEU A 30 -17.10 -21.35 15.98
CA LEU A 30 -17.42 -21.41 17.40
C LEU A 30 -16.84 -22.66 18.04
N HIS A 31 -15.95 -22.46 19.01
CA HIS A 31 -15.34 -23.58 19.73
C HIS A 31 -16.31 -24.10 20.79
N SER A 32 -16.63 -25.39 20.67
CA SER A 32 -17.56 -26.05 21.59
C SER A 32 -17.26 -25.90 23.07
N ILE A 33 -15.98 -26.04 23.44
CA ILE A 33 -15.56 -25.93 24.84
C ILE A 33 -15.58 -24.53 25.43
N THR A 34 -14.76 -23.62 24.90
CA THR A 34 -14.70 -22.26 25.42
C THR A 34 -15.88 -21.40 25.00
N ARG A 35 -16.63 -21.87 23.99
CA ARG A 35 -17.78 -21.14 23.49
C ARG A 35 -17.35 -19.83 22.83
N LYS A 36 -16.05 -19.72 22.53
CA LYS A 36 -15.48 -18.55 21.86
C LYS A 36 -15.50 -18.71 20.36
N ASN A 37 -15.74 -17.60 19.66
CA ASN A 37 -15.74 -17.58 18.20
C ASN A 37 -14.39 -17.03 17.77
N TYR A 38 -13.58 -17.88 17.12
CA TYR A 38 -12.26 -17.46 16.70
C TYR A 38 -12.25 -16.65 15.42
N LEU A 39 -12.69 -15.40 15.52
CA LEU A 39 -12.72 -14.50 14.39
C LEU A 39 -12.26 -13.13 14.85
N ALA A 40 -11.33 -12.54 14.10
CA ALA A 40 -10.80 -11.23 14.42
C ALA A 40 -11.01 -10.27 13.27
N TRP A 41 -10.92 -8.97 13.56
CA TRP A 41 -11.08 -7.94 12.56
C TRP A 41 -9.87 -7.03 12.55
N TYR A 42 -9.42 -6.70 11.35
CA TYR A 42 -8.26 -5.83 11.19
C TYR A 42 -8.59 -4.80 10.13
N ARG A 43 -7.80 -3.75 10.07
CA ARG A 43 -7.99 -2.75 9.05
C ARG A 43 -6.61 -2.26 8.65
N GLN A 44 -6.48 -1.88 7.38
CA GLN A 44 -5.22 -1.40 6.88
C GLN A 44 -5.44 -0.06 6.19
N LYS A 45 -4.86 0.99 6.75
CA LYS A 45 -4.97 2.31 6.17
C LYS A 45 -3.99 2.43 4.99
N PRO A 46 -4.29 3.31 4.02
CA PRO A 46 -3.41 3.48 2.86
C PRO A 46 -1.94 3.63 3.23
N GLY A 47 -1.15 2.66 2.79
CA GLY A 47 0.28 2.67 3.05
C GLY A 47 0.72 2.47 4.49
N GLN A 48 -0.01 1.64 5.24
CA GLN A 48 0.33 1.35 6.64
C GLN A 48 0.16 -0.14 6.89
N SER A 49 0.74 -0.64 7.99
CA SER A 49 0.61 -2.05 8.34
C SER A 49 -0.81 -2.28 8.88
N PRO A 50 -1.29 -3.53 8.85
CA PRO A 50 -2.64 -3.81 9.34
C PRO A 50 -2.68 -3.59 10.86
N LYS A 51 -3.85 -3.24 11.39
CA LYS A 51 -3.99 -3.04 12.83
C LYS A 51 -5.13 -3.89 13.34
N LEU A 52 -4.95 -4.49 14.51
CA LEU A 52 -5.99 -5.32 15.11
C LEU A 52 -7.07 -4.44 15.68
N LEU A 53 -8.31 -4.74 15.34
CA LEU A 53 -9.44 -3.98 15.85
C LEU A 53 -10.25 -4.80 16.87
N ILE A 54 -10.49 -6.07 16.56
CA ILE A 54 -11.32 -6.94 17.39
C ILE A 54 -10.91 -8.41 17.31
N TYR A 55 -11.05 -9.15 18.41
CA TYR A 55 -10.78 -10.58 18.43
C TYR A 55 -11.86 -11.33 19.24
N TRP A 56 -11.95 -12.64 19.06
CA TRP A 56 -12.98 -13.45 19.71
C TRP A 56 -14.34 -12.90 19.29
N ALA A 57 -14.37 -12.33 18.08
CA ALA A 57 -15.59 -11.79 17.51
C ALA A 57 -16.21 -10.55 18.12
N SER A 58 -15.86 -10.20 19.36
CA SER A 58 -16.47 -9.02 20.00
C SER A 58 -15.55 -8.19 20.89
N THR A 59 -14.51 -8.82 21.45
CA THR A 59 -13.61 -8.09 22.34
C THR A 59 -12.77 -7.10 21.55
N ARG A 60 -12.93 -5.81 21.87
CA ARG A 60 -12.13 -4.79 21.20
C ARG A 60 -10.69 -4.98 21.66
N GLY A 61 -9.73 -4.69 20.79
CA GLY A 61 -8.35 -4.83 21.17
C GLY A 61 -7.99 -3.66 22.05
N SER A 62 -6.82 -3.71 22.66
CA SER A 62 -6.36 -2.66 23.54
C SER A 62 -6.25 -1.31 22.83
N GLY A 63 -6.84 -0.28 23.41
CA GLY A 63 -6.79 1.06 22.84
C GLY A 63 -7.80 1.34 21.75
N VAL A 64 -8.41 0.30 21.20
CA VAL A 64 -9.41 0.48 20.14
C VAL A 64 -10.69 1.10 20.75
N PRO A 65 -11.10 2.27 20.25
CA PRO A 65 -12.31 2.98 20.72
C PRO A 65 -13.59 2.18 20.60
N ASP A 66 -14.58 2.55 21.39
CA ASP A 66 -15.87 1.85 21.42
C ASP A 66 -16.74 2.00 20.18
N ARG A 67 -16.25 2.72 19.18
CA ARG A 67 -17.00 2.90 17.95
C ARG A 67 -17.05 1.57 17.20
N PHE A 68 -16.01 0.76 17.39
CA PHE A 68 -15.92 -0.53 16.72
C PHE A 68 -16.62 -1.63 17.52
N THR A 69 -17.67 -2.19 16.94
CA THR A 69 -18.44 -3.25 17.57
C THR A 69 -18.44 -4.49 16.69
N GLY A 70 -17.95 -5.60 17.21
CA GLY A 70 -17.93 -6.83 16.45
C GLY A 70 -19.00 -7.76 16.98
N SER A 71 -19.68 -8.48 16.09
CA SER A 71 -20.74 -9.36 16.52
C SER A 71 -20.86 -10.58 15.64
N GLY A 72 -21.86 -11.39 15.94
CA GLY A 72 -22.12 -12.60 15.19
C GLY A 72 -21.56 -13.83 15.88
N SER A 73 -21.89 -15.00 15.36
CA SER A 73 -21.41 -16.24 15.95
C SER A 73 -21.59 -17.35 14.93
N GLY A 74 -20.78 -18.39 15.05
CA GLY A 74 -20.90 -19.52 14.14
C GLY A 74 -20.18 -19.40 12.81
N THR A 75 -20.88 -18.86 11.82
CA THR A 75 -20.32 -18.68 10.48
C THR A 75 -20.61 -17.28 9.94
N ASP A 76 -21.41 -16.52 10.69
CA ASP A 76 -21.75 -15.19 10.26
C ASP A 76 -21.34 -14.16 11.29
N PHE A 77 -20.54 -13.19 10.87
CA PHE A 77 -20.06 -12.12 11.74
C PHE A 77 -20.20 -10.76 11.09
N THR A 78 -20.11 -9.71 11.91
CA THR A 78 -20.29 -8.38 11.42
C THR A 78 -19.43 -7.38 12.19
N LEU A 79 -19.04 -6.30 11.51
CA LEU A 79 -18.28 -5.24 12.13
C LEU A 79 -19.14 -4.02 11.86
N THR A 80 -19.40 -3.25 12.90
CA THR A 80 -20.22 -2.06 12.82
C THR A 80 -19.38 -0.88 13.29
N ILE A 81 -19.35 0.19 12.49
CA ILE A 81 -18.61 1.37 12.87
C ILE A 81 -19.62 2.50 12.98
N SER A 82 -19.57 3.22 14.09
CA SER A 82 -20.48 4.33 14.34
C SER A 82 -19.66 5.59 14.36
N SER A 83 -20.25 6.68 13.88
CA SER A 83 -19.54 7.96 13.82
C SER A 83 -18.33 7.79 12.87
N VAL A 84 -18.58 7.21 11.69
CA VAL A 84 -17.53 6.99 10.70
C VAL A 84 -16.89 8.32 10.34
N GLN A 85 -15.59 8.44 10.60
CA GLN A 85 -14.89 9.67 10.30
C GLN A 85 -13.87 9.50 9.17
N ALA A 86 -13.37 10.63 8.67
CA ALA A 86 -12.40 10.66 7.59
C ALA A 86 -11.23 9.71 7.82
N GLU A 87 -10.83 9.60 9.07
CA GLU A 87 -9.70 8.76 9.44
C GLU A 87 -9.98 7.26 9.37
N ASP A 88 -11.22 6.87 9.06
CA ASP A 88 -11.54 5.45 9.00
C ASP A 88 -11.43 4.79 7.64
N LEU A 89 -11.17 5.57 6.60
CA LEU A 89 -11.05 4.98 5.27
C LEU A 89 -9.86 4.03 5.24
N ALA A 90 -10.14 2.79 4.87
CA ALA A 90 -9.15 1.74 4.81
C ALA A 90 -9.84 0.48 4.33
N VAL A 91 -9.13 -0.62 4.40
CA VAL A 91 -9.68 -1.91 4.00
C VAL A 91 -9.81 -2.72 5.31
N TYR A 92 -10.97 -3.33 5.49
CA TYR A 92 -11.23 -4.11 6.70
C TYR A 92 -11.21 -5.61 6.40
N TYR A 93 -10.35 -6.35 7.09
CA TYR A 93 -10.25 -7.79 6.87
C TYR A 93 -10.68 -8.55 8.11
N CYS A 94 -11.41 -9.64 7.91
CA CYS A 94 -11.78 -10.47 9.02
C CYS A 94 -10.82 -11.64 8.85
N LYS A 95 -10.35 -12.20 9.95
CA LYS A 95 -9.42 -13.31 9.90
C LYS A 95 -9.93 -14.39 10.84
N GLN A 96 -9.62 -15.65 10.54
CA GLN A 96 -10.03 -16.75 11.40
C GLN A 96 -8.82 -17.41 12.04
N SER A 97 -8.98 -17.87 13.28
CA SER A 97 -7.87 -18.52 13.98
C SER A 97 -8.25 -19.93 14.44
N TYR A 98 -9.41 -20.42 14.00
CA TYR A 98 -9.86 -21.74 14.42
C TYR A 98 -8.88 -22.85 14.04
N ASN A 99 -8.30 -22.75 12.86
CA ASN A 99 -7.32 -23.73 12.40
C ASN A 99 -6.40 -22.98 11.46
N LEU A 100 -5.14 -22.80 11.87
CA LEU A 100 -4.18 -22.03 11.08
C LEU A 100 -4.81 -20.65 10.96
N TYR A 101 -4.41 -19.85 9.97
CA TYR A 101 -5.02 -18.53 9.81
C TYR A 101 -5.56 -18.38 8.40
N THR A 102 -6.54 -17.50 8.25
CA THR A 102 -7.15 -17.25 6.96
C THR A 102 -7.87 -15.90 6.99
N PHE A 103 -7.49 -15.00 6.09
CA PHE A 103 -8.12 -13.68 6.02
C PHE A 103 -9.18 -13.66 4.93
N GLY A 104 -10.01 -12.63 4.94
CA GLY A 104 -11.03 -12.51 3.92
C GLY A 104 -10.53 -11.57 2.83
N GLY A 105 -11.30 -11.45 1.75
CA GLY A 105 -10.91 -10.56 0.66
C GLY A 105 -10.80 -9.09 1.05
N GLY A 106 -11.41 -8.73 2.17
CA GLY A 106 -11.38 -7.35 2.60
C GLY A 106 -12.56 -6.59 2.05
N THR A 107 -12.91 -5.52 2.74
CA THR A 107 -14.00 -4.64 2.35
C THR A 107 -13.40 -3.23 2.42
N LYS A 108 -13.53 -2.47 1.34
CA LYS A 108 -12.98 -1.12 1.30
C LYS A 108 -14.05 -0.10 1.69
N LEU A 109 -13.67 0.85 2.54
CA LEU A 109 -14.58 1.91 2.97
C LEU A 109 -14.14 3.22 2.37
N GLU A 110 -15.10 3.93 1.79
CA GLU A 110 -14.84 5.22 1.15
C GLU A 110 -15.75 6.26 1.81
N ILE A 111 -15.26 7.49 1.89
CA ILE A 111 -16.03 8.57 2.50
C ILE A 111 -16.75 9.41 1.45
N LYS A 112 -18.07 9.41 1.53
CA LYS A 112 -18.93 10.17 0.63
C LYS A 112 -18.84 11.62 1.06
N ARG A 113 -18.32 12.49 0.20
CA ARG A 113 -18.20 13.91 0.51
C ARG A 113 -18.78 14.79 -0.59
N ALA A 114 -18.60 16.09 -0.44
CA ALA A 114 -19.09 17.07 -1.40
C ALA A 114 -18.27 17.05 -2.68
N ASP A 115 -18.91 17.28 -3.81
CA ASP A 115 -18.23 17.28 -5.09
C ASP A 115 -17.13 18.33 -5.07
N ALA A 116 -16.04 18.07 -5.80
CA ALA A 116 -14.91 18.97 -5.86
C ALA A 116 -14.26 18.85 -7.23
N ALA A 117 -14.09 19.97 -7.92
CA ALA A 117 -13.49 19.96 -9.24
C ALA A 117 -11.99 19.78 -9.12
N PRO A 118 -11.35 19.15 -10.12
CA PRO A 118 -9.90 18.97 -10.03
C PRO A 118 -9.11 20.23 -10.35
N THR A 119 -7.88 20.28 -9.91
CA THR A 119 -6.99 21.41 -10.22
C THR A 119 -5.98 20.87 -11.23
N VAL A 120 -6.24 21.11 -12.51
CA VAL A 120 -5.36 20.61 -13.56
C VAL A 120 -4.04 21.38 -13.71
N SER A 121 -3.00 20.66 -14.10
CA SER A 121 -1.68 21.25 -14.29
C SER A 121 -0.92 20.42 -15.31
N ILE A 122 -0.51 21.06 -16.40
CA ILE A 122 0.23 20.36 -17.45
C ILE A 122 1.69 20.78 -17.42
N PHE A 123 2.59 19.81 -17.56
CA PHE A 123 4.02 20.07 -17.52
C PHE A 123 4.71 19.63 -18.79
N PRO A 124 5.47 20.55 -19.42
CA PRO A 124 6.21 20.26 -20.65
C PRO A 124 7.37 19.36 -20.26
N PRO A 125 7.92 18.59 -21.22
CA PRO A 125 9.05 17.68 -20.98
C PRO A 125 10.26 18.44 -20.47
N SER A 126 11.01 17.86 -19.54
CA SER A 126 12.20 18.54 -19.03
C SER A 126 13.31 18.51 -20.07
N SER A 127 14.17 19.51 -20.03
CA SER A 127 15.28 19.60 -20.96
C SER A 127 16.20 18.39 -20.81
N GLU A 128 16.30 17.89 -19.58
CA GLU A 128 17.14 16.72 -19.29
C GLU A 128 16.58 15.47 -19.95
N GLN A 129 15.26 15.35 -19.98
CA GLN A 129 14.64 14.18 -20.60
C GLN A 129 14.78 14.28 -22.11
N LEU A 130 14.58 15.47 -22.65
CA LEU A 130 14.71 15.68 -24.08
C LEU A 130 16.08 15.17 -24.55
N THR A 131 17.13 15.55 -23.80
CA THR A 131 18.50 15.13 -24.09
C THR A 131 18.67 13.62 -24.04
N SER A 132 17.65 12.92 -23.55
CA SER A 132 17.70 11.47 -23.45
C SER A 132 17.04 10.79 -24.66
N GLY A 133 16.40 11.60 -25.50
CA GLY A 133 15.74 11.09 -26.67
C GLY A 133 14.25 10.87 -26.50
N GLY A 134 13.76 11.14 -25.29
CA GLY A 134 12.35 10.97 -25.02
C GLY A 134 11.69 12.25 -24.55
N ALA A 135 10.36 12.25 -24.55
CA ALA A 135 9.58 13.40 -24.12
C ALA A 135 8.30 12.90 -23.44
N SER A 136 8.10 13.31 -22.19
CA SER A 136 6.93 12.91 -21.42
C SER A 136 6.16 14.14 -20.94
N VAL A 137 4.94 14.31 -21.41
CA VAL A 137 4.12 15.43 -21.00
C VAL A 137 3.31 14.88 -19.83
N VAL A 138 3.34 15.58 -18.70
CA VAL A 138 2.64 15.12 -17.51
C VAL A 138 1.52 16.07 -17.12
N CYS A 139 0.38 15.50 -16.76
CA CYS A 139 -0.74 16.29 -16.34
C CYS A 139 -1.16 15.78 -14.95
N PHE A 140 -1.28 16.70 -13.99
CA PHE A 140 -1.69 16.36 -12.63
C PHE A 140 -3.08 16.93 -12.42
N LEU A 141 -4.04 16.07 -12.08
CA LEU A 141 -5.40 16.49 -11.80
C LEU A 141 -5.59 16.12 -10.32
N ASN A 142 -5.50 17.12 -9.46
CA ASN A 142 -5.59 16.89 -8.03
C ASN A 142 -6.77 17.43 -7.24
N ASN A 143 -7.04 16.74 -6.14
CA ASN A 143 -8.09 17.10 -5.18
C ASN A 143 -9.54 17.12 -5.65
N PHE A 144 -9.99 16.06 -6.31
CA PHE A 144 -11.35 16.04 -6.79
C PHE A 144 -12.20 14.90 -6.20
N TYR A 145 -13.52 15.04 -6.34
CA TYR A 145 -14.49 14.05 -5.89
C TYR A 145 -15.77 14.30 -6.71
N PRO A 146 -16.40 13.23 -7.22
CA PRO A 146 -16.06 11.81 -7.14
C PRO A 146 -14.79 11.36 -7.85
N LYS A 147 -14.47 10.09 -7.69
CA LYS A 147 -13.27 9.49 -8.26
C LYS A 147 -13.26 9.46 -9.79
N ASP A 148 -14.42 9.26 -10.40
CA ASP A 148 -14.53 9.18 -11.85
C ASP A 148 -14.23 10.48 -12.54
N ILE A 149 -13.27 10.41 -13.46
CA ILE A 149 -12.86 11.55 -14.26
C ILE A 149 -12.29 10.99 -15.55
N ASN A 150 -12.52 11.69 -16.65
CA ASN A 150 -12.02 11.25 -17.95
C ASN A 150 -10.92 12.23 -18.34
N VAL A 151 -9.80 11.72 -18.83
CA VAL A 151 -8.70 12.60 -19.26
C VAL A 151 -8.30 12.31 -20.71
N LYS A 152 -8.39 13.33 -21.55
CA LYS A 152 -8.01 13.19 -22.96
C LYS A 152 -6.76 14.00 -23.22
N TRP A 153 -5.87 13.44 -24.04
CA TRP A 153 -4.64 14.10 -24.46
C TRP A 153 -4.87 14.50 -25.90
N LYS A 154 -4.74 15.79 -26.21
CA LYS A 154 -4.94 16.28 -27.59
C LYS A 154 -3.68 16.98 -28.09
N ILE A 155 -3.14 16.47 -29.19
CA ILE A 155 -1.95 17.05 -29.80
C ILE A 155 -2.37 17.82 -31.06
N ASP A 156 -2.34 19.15 -30.97
CA ASP A 156 -2.73 20.04 -32.08
C ASP A 156 -4.23 20.03 -32.33
N GLY A 157 -4.97 19.22 -31.58
CA GLY A 157 -6.41 19.12 -31.75
C GLY A 157 -6.84 17.71 -32.10
N SER A 158 -5.87 16.80 -32.16
CA SER A 158 -6.14 15.40 -32.44
C SER A 158 -5.98 14.65 -31.11
N GLU A 159 -6.82 13.65 -30.87
CA GLU A 159 -6.77 12.89 -29.63
C GLU A 159 -5.73 11.79 -29.66
N ARG A 160 -4.77 11.88 -28.76
CA ARG A 160 -3.71 10.89 -28.63
C ARG A 160 -4.04 9.93 -27.49
N GLN A 161 -4.38 8.69 -27.82
CA GLN A 161 -4.72 7.69 -26.80
C GLN A 161 -3.64 6.68 -26.48
N ASN A 162 -2.69 6.48 -27.38
CA ASN A 162 -1.60 5.51 -27.14
C ASN A 162 -0.43 6.19 -26.45
N GLY A 163 0.15 5.50 -25.47
CA GLY A 163 1.28 6.04 -24.73
C GLY A 163 0.90 6.86 -23.51
N VAL A 164 -0.28 6.57 -22.96
CA VAL A 164 -0.79 7.27 -21.78
C VAL A 164 -0.73 6.35 -20.56
N LEU A 165 -0.15 6.87 -19.48
CA LEU A 165 -0.03 6.12 -18.24
C LEU A 165 -0.79 6.89 -17.15
N ASN A 166 -1.94 6.37 -16.77
CA ASN A 166 -2.78 6.98 -15.73
C ASN A 166 -2.57 6.32 -14.39
N SER A 167 -2.69 7.08 -13.30
CA SER A 167 -2.49 6.53 -11.97
C SER A 167 -3.17 7.35 -10.88
N TRP A 168 -4.26 6.82 -10.31
CA TRP A 168 -4.98 7.53 -9.25
C TRP A 168 -4.33 7.31 -7.90
N THR A 169 -4.74 8.12 -6.94
CA THR A 169 -4.24 7.94 -5.60
C THR A 169 -5.42 7.40 -4.77
N ASP A 170 -5.13 6.99 -3.54
CA ASP A 170 -6.18 6.51 -2.65
C ASP A 170 -6.87 7.77 -2.14
N GLN A 171 -8.07 7.62 -1.58
CA GLN A 171 -8.78 8.79 -1.07
C GLN A 171 -7.93 9.35 0.07
N ASP A 172 -7.80 10.66 0.11
CA ASP A 172 -7.02 11.31 1.14
C ASP A 172 -7.73 11.23 2.48
N SER A 173 -7.03 10.72 3.49
CA SER A 173 -7.59 10.58 4.83
C SER A 173 -8.04 11.88 5.46
N LYS A 174 -7.51 13.00 4.98
CA LYS A 174 -7.91 14.29 5.53
C LYS A 174 -9.03 14.98 4.75
N ASP A 175 -8.78 15.37 3.50
CA ASP A 175 -9.81 16.04 2.72
C ASP A 175 -10.81 15.13 2.02
N SER A 176 -10.50 13.85 1.90
CA SER A 176 -11.38 12.88 1.26
C SER A 176 -11.51 13.02 -0.26
N THR A 177 -10.51 13.63 -0.91
CA THR A 177 -10.53 13.83 -2.35
C THR A 177 -9.47 12.96 -3.01
N TYR A 178 -9.69 12.64 -4.29
CA TYR A 178 -8.75 11.83 -5.06
C TYR A 178 -7.83 12.69 -5.94
N SER A 179 -6.76 12.08 -6.44
CA SER A 179 -5.80 12.76 -7.30
C SER A 179 -5.40 11.79 -8.41
N MET A 180 -4.97 12.36 -9.55
CA MET A 180 -4.58 11.55 -10.69
C MET A 180 -3.48 12.19 -11.52
N SER A 181 -2.58 11.35 -12.05
CA SER A 181 -1.52 11.84 -12.91
C SER A 181 -1.63 11.09 -14.23
N SER A 182 -1.53 11.84 -15.32
CA SER A 182 -1.60 11.28 -16.66
C SER A 182 -0.27 11.62 -17.32
N THR A 183 0.36 10.60 -17.89
CA THR A 183 1.65 10.78 -18.53
C THR A 183 1.62 10.34 -19.98
N LEU A 184 1.89 11.29 -20.87
CA LEU A 184 1.95 11.03 -22.30
C LEU A 184 3.43 10.98 -22.65
N THR A 185 3.87 9.85 -23.19
CA THR A 185 5.26 9.71 -23.57
C THR A 185 5.44 9.50 -25.06
N LEU A 186 6.13 10.45 -25.68
CA LEU A 186 6.41 10.40 -27.11
C LEU A 186 7.94 10.44 -27.21
N THR A 187 8.44 10.56 -28.43
CA THR A 187 9.88 10.63 -28.66
C THR A 187 10.25 12.07 -28.88
N LYS A 188 11.55 12.34 -28.87
CA LYS A 188 12.03 13.70 -29.12
C LYS A 188 11.47 14.11 -30.50
N ASP A 189 11.53 13.15 -31.42
CA ASP A 189 11.05 13.32 -32.79
C ASP A 189 9.61 13.83 -32.80
N GLU A 190 8.69 12.96 -32.41
CA GLU A 190 7.26 13.29 -32.38
C GLU A 190 6.97 14.59 -31.62
N TYR A 191 7.72 14.85 -30.55
CA TYR A 191 7.52 16.06 -29.78
C TYR A 191 7.89 17.27 -30.64
N GLU A 192 8.99 17.13 -31.36
CA GLU A 192 9.51 18.16 -32.26
C GLU A 192 8.51 18.44 -33.38
N ARG A 193 7.77 17.42 -33.78
CA ARG A 193 6.79 17.55 -34.86
C ARG A 193 5.48 18.26 -34.51
N HIS A 194 5.26 18.60 -33.24
CA HIS A 194 3.99 19.23 -32.90
C HIS A 194 4.12 20.50 -32.10
N ASN A 195 3.03 21.27 -32.04
CA ASN A 195 3.05 22.53 -31.32
C ASN A 195 2.30 22.54 -30.00
N SER A 196 0.98 22.69 -30.06
CA SER A 196 0.16 22.74 -28.85
C SER A 196 -0.26 21.39 -28.28
N TYR A 197 -0.08 21.26 -26.97
CA TYR A 197 -0.42 20.06 -26.23
C TYR A 197 -1.47 20.45 -25.21
N THR A 198 -2.46 19.56 -25.05
CA THR A 198 -3.56 19.82 -24.14
C THR A 198 -3.99 18.59 -23.32
N CYS A 199 -4.31 18.87 -22.06
CA CYS A 199 -4.81 17.88 -21.12
C CYS A 199 -6.26 18.30 -20.92
N GLU A 200 -7.18 17.47 -21.41
CA GLU A 200 -8.60 17.74 -21.30
C GLU A 200 -9.24 16.81 -20.26
N ALA A 201 -9.91 17.40 -19.26
CA ALA A 201 -10.54 16.64 -18.19
C ALA A 201 -12.05 16.80 -18.14
N THR A 202 -12.78 15.70 -18.17
CA THR A 202 -14.24 15.75 -18.10
C THR A 202 -14.62 15.13 -16.75
N HIS A 203 -15.40 15.87 -15.96
CA HIS A 203 -15.81 15.47 -14.61
C HIS A 203 -17.16 16.16 -14.36
N LYS A 204 -18.03 15.51 -13.59
CA LYS A 204 -19.36 16.03 -13.28
C LYS A 204 -19.41 17.40 -12.60
N THR A 205 -18.28 17.86 -12.08
CA THR A 205 -18.26 19.15 -11.42
C THR A 205 -18.24 20.35 -12.36
N SER A 206 -18.21 20.09 -13.66
CA SER A 206 -18.22 21.16 -14.63
C SER A 206 -19.07 20.78 -15.83
N THR A 207 -19.60 21.80 -16.49
CA THR A 207 -20.45 21.64 -17.66
C THR A 207 -19.58 21.37 -18.89
N SER A 208 -18.44 22.05 -18.96
CA SER A 208 -17.53 21.91 -20.07
C SER A 208 -16.25 21.31 -19.55
N PRO A 209 -15.53 20.53 -20.38
CA PRO A 209 -14.28 19.92 -19.97
C PRO A 209 -13.29 20.97 -19.51
N ILE A 210 -12.28 20.56 -18.76
CA ILE A 210 -11.24 21.46 -18.28
C ILE A 210 -10.09 21.21 -19.25
N VAL A 211 -9.57 22.27 -19.84
CA VAL A 211 -8.46 22.15 -20.78
C VAL A 211 -7.25 22.93 -20.28
N LYS A 212 -6.11 22.27 -20.22
CA LYS A 212 -4.89 22.91 -19.78
C LYS A 212 -3.93 22.69 -20.93
N SER A 213 -3.52 23.76 -21.58
CA SER A 213 -2.65 23.62 -22.74
C SER A 213 -1.37 24.43 -22.68
N PHE A 214 -0.45 24.11 -23.58
CA PHE A 214 0.81 24.80 -23.72
C PHE A 214 1.30 24.50 -25.13
N ASN A 215 1.71 25.53 -25.86
CA ASN A 215 2.23 25.32 -27.21
C ASN A 215 3.73 25.29 -27.02
N ARG A 216 4.39 24.36 -27.69
CA ARG A 216 5.83 24.19 -27.58
C ARG A 216 6.62 25.45 -27.98
N GLN B 1 8.51 0.83 23.78
CA GLN B 1 7.41 0.49 22.88
C GLN B 1 7.78 -0.70 22.00
N VAL B 2 6.78 -1.49 21.63
CA VAL B 2 7.01 -2.66 20.80
C VAL B 2 7.51 -2.16 19.46
N GLN B 3 8.58 -2.78 18.97
CA GLN B 3 9.17 -2.39 17.71
C GLN B 3 9.62 -3.63 16.95
N LEU B 4 9.01 -3.87 15.79
CA LEU B 4 9.36 -5.01 14.96
C LEU B 4 9.93 -4.43 13.66
N GLN B 5 11.23 -4.63 13.44
CA GLN B 5 11.87 -4.09 12.24
C GLN B 5 12.42 -5.19 11.33
N GLU B 6 11.77 -5.38 10.19
CA GLU B 6 12.20 -6.40 9.23
C GLU B 6 13.16 -5.84 8.17
N SER B 7 14.08 -6.66 7.71
CA SER B 7 15.04 -6.23 6.71
C SER B 7 15.42 -7.43 5.86
N GLY B 8 16.01 -7.17 4.69
CA GLY B 8 16.44 -8.27 3.85
C GLY B 8 15.63 -8.56 2.60
N GLY B 9 14.57 -7.81 2.38
CA GLY B 9 13.79 -8.05 1.18
C GLY B 9 14.57 -7.59 -0.04
N GLY B 10 14.05 -7.84 -1.23
CA GLY B 10 14.77 -7.40 -2.42
C GLY B 10 14.44 -8.17 -3.66
N LEU B 11 15.21 -7.93 -4.72
CA LEU B 11 15.02 -8.59 -6.00
C LEU B 11 15.75 -9.93 -6.00
N VAL B 12 15.05 -10.99 -6.37
CA VAL B 12 15.65 -12.32 -6.42
C VAL B 12 15.08 -13.02 -7.64
N GLN B 13 15.88 -13.88 -8.26
CA GLN B 13 15.44 -14.61 -9.44
C GLN B 13 14.70 -15.87 -9.05
N PRO B 14 13.73 -16.28 -9.89
CA PRO B 14 12.93 -17.47 -9.66
C PRO B 14 13.81 -18.64 -9.28
N ARG B 15 13.29 -19.51 -8.43
CA ARG B 15 14.05 -20.67 -7.95
C ARG B 15 15.24 -20.26 -7.08
N GLY B 16 15.32 -18.97 -6.75
CA GLY B 16 16.41 -18.50 -5.90
C GLY B 16 16.01 -18.58 -4.43
N SER B 17 16.83 -18.00 -3.55
CA SER B 17 16.54 -18.04 -2.13
C SER B 17 16.85 -16.72 -1.45
N LEU B 18 16.09 -16.40 -0.42
CA LEU B 18 16.27 -15.16 0.32
C LEU B 18 15.97 -15.40 1.82
N LYS B 19 16.65 -14.67 2.69
CA LYS B 19 16.41 -14.80 4.13
C LYS B 19 16.01 -13.47 4.74
N LEU B 20 14.80 -13.40 5.29
CA LEU B 20 14.31 -12.19 5.94
C LEU B 20 14.67 -12.22 7.42
N SER B 21 14.66 -11.06 8.07
CA SER B 21 14.98 -10.97 9.48
C SER B 21 14.08 -9.97 10.15
N CYS B 22 13.84 -10.18 11.44
CA CYS B 22 12.99 -9.30 12.23
C CYS B 22 13.61 -9.06 13.59
N ALA B 23 13.82 -7.79 13.91
CA ALA B 23 14.37 -7.44 15.20
C ALA B 23 13.20 -6.99 16.04
N ALA B 24 12.97 -7.69 17.15
CA ALA B 24 11.86 -7.36 18.05
C ALA B 24 12.35 -6.51 19.23
N SER B 25 11.50 -5.59 19.68
CA SER B 25 11.81 -4.71 20.80
C SER B 25 10.56 -4.28 21.54
N GLY B 26 10.73 -3.93 22.82
CA GLY B 26 9.63 -3.47 23.64
C GLY B 26 8.76 -4.49 24.37
N PHE B 27 9.05 -5.78 24.20
CA PHE B 27 8.26 -6.84 24.85
C PHE B 27 9.12 -8.08 25.05
N THR B 28 8.65 -8.98 25.90
CA THR B 28 9.38 -10.23 26.17
C THR B 28 9.23 -11.21 25.01
N PHE B 29 10.19 -11.14 24.09
CA PHE B 29 10.21 -11.99 22.91
C PHE B 29 10.17 -13.47 23.27
N ASN B 30 10.87 -13.83 24.34
CA ASN B 30 10.95 -15.22 24.80
C ASN B 30 9.60 -15.86 25.11
N THR B 31 8.58 -15.05 25.31
CA THR B 31 7.29 -15.60 25.64
C THR B 31 6.25 -15.62 24.54
N ASP B 32 6.39 -14.78 23.53
CA ASP B 32 5.39 -14.76 22.48
C ASP B 32 5.65 -15.62 21.25
N ALA B 33 4.56 -16.00 20.59
CA ALA B 33 4.61 -16.76 19.36
C ALA B 33 4.76 -15.69 18.29
N MET B 34 5.57 -15.96 17.26
CA MET B 34 5.81 -14.99 16.19
C MET B 34 5.33 -15.49 14.83
N ASN B 35 4.85 -14.58 14.00
CA ASN B 35 4.36 -14.95 12.67
C ASN B 35 4.90 -14.09 11.53
N TRP B 36 4.71 -14.60 10.32
CA TRP B 36 5.09 -13.90 9.13
C TRP B 36 3.84 -13.93 8.25
N VAL B 37 3.37 -12.74 7.89
CA VAL B 37 2.20 -12.60 7.03
C VAL B 37 2.74 -11.84 5.81
N ARG B 38 2.18 -12.10 4.63
CA ARG B 38 2.63 -11.39 3.43
C ARG B 38 1.45 -10.84 2.67
N GLN B 39 1.71 -9.84 1.85
CA GLN B 39 0.69 -9.20 1.05
C GLN B 39 1.23 -9.04 -0.38
N ALA B 40 0.58 -9.74 -1.30
CA ALA B 40 0.91 -9.73 -2.71
C ALA B 40 0.51 -8.39 -3.30
N PRO B 41 1.26 -7.90 -4.31
CA PRO B 41 1.03 -6.61 -4.99
C PRO B 41 -0.43 -6.32 -5.31
N GLY B 42 -1.00 -5.40 -4.56
CA GLY B 42 -2.39 -5.01 -4.74
C GLY B 42 -3.38 -6.10 -4.38
N LYS B 43 -3.07 -6.89 -3.36
CA LYS B 43 -3.96 -7.97 -2.94
C LYS B 43 -4.19 -7.94 -1.42
N GLY B 44 -4.88 -8.96 -0.91
CA GLY B 44 -5.13 -9.07 0.51
C GLY B 44 -3.96 -9.72 1.22
N LEU B 45 -4.13 -10.01 2.51
CA LEU B 45 -3.08 -10.62 3.32
C LEU B 45 -3.15 -12.15 3.31
N GLU B 46 -2.00 -12.80 3.40
CA GLU B 46 -1.94 -14.25 3.44
C GLU B 46 -0.97 -14.63 4.54
N TRP B 47 -1.45 -15.31 5.57
CA TRP B 47 -0.58 -15.75 6.66
C TRP B 47 0.40 -16.76 6.07
N VAL B 48 1.67 -16.63 6.43
CA VAL B 48 2.73 -17.49 5.90
C VAL B 48 3.25 -18.58 6.85
N ALA B 49 3.81 -18.16 7.97
CA ALA B 49 4.39 -19.09 8.92
C ALA B 49 4.15 -18.64 10.36
N ARG B 50 4.34 -19.57 11.29
CA ARG B 50 4.16 -19.31 12.72
C ARG B 50 5.11 -20.16 13.55
N ILE B 51 5.77 -19.54 14.52
CA ILE B 51 6.66 -20.28 15.42
C ILE B 51 6.33 -19.99 16.90
N ARG B 52 5.79 -20.99 17.59
CA ARG B 52 5.41 -20.85 19.00
C ARG B 52 6.64 -20.73 19.89
N SER B 53 6.43 -20.36 21.15
CA SER B 53 7.52 -20.17 22.10
C SER B 53 8.20 -21.45 22.57
N LYS B 54 9.32 -21.28 23.25
CA LYS B 54 10.10 -22.40 23.80
C LYS B 54 9.23 -23.26 24.73
N GLY B 55 8.34 -22.59 25.46
CA GLY B 55 7.45 -23.29 26.38
C GLY B 55 6.54 -24.24 25.65
N PHE B 56 6.51 -24.13 24.33
CA PHE B 56 5.70 -25.01 23.51
C PHE B 56 6.62 -25.73 22.54
N ASN B 57 7.86 -25.92 22.98
CA ASN B 57 8.89 -26.60 22.22
C ASN B 57 9.13 -26.13 20.78
N PHE B 58 8.98 -24.82 20.56
CA PHE B 58 9.19 -24.18 19.28
C PHE B 58 8.37 -24.74 18.12
N ALA B 59 7.12 -25.09 18.38
CA ALA B 59 6.26 -25.63 17.35
C ALA B 59 6.14 -24.67 16.15
N THR B 60 6.31 -25.20 14.93
CA THR B 60 6.22 -24.41 13.69
C THR B 60 5.03 -24.83 12.82
N TYR B 61 4.38 -23.86 12.19
CA TYR B 61 3.25 -24.13 11.31
C TYR B 61 3.50 -23.34 10.03
N TYR B 62 3.11 -23.91 8.89
CA TYR B 62 3.30 -23.28 7.58
C TYR B 62 2.07 -23.38 6.70
N ALA B 63 1.76 -22.33 5.96
CA ALA B 63 0.62 -22.36 5.05
C ALA B 63 0.90 -23.44 4.01
N ASP B 64 -0.15 -24.04 3.46
CA ASP B 64 0.02 -25.09 2.47
C ASP B 64 0.94 -24.70 1.31
N SER B 65 0.74 -23.49 0.80
CA SER B 65 1.51 -22.96 -0.32
C SER B 65 2.99 -22.64 -0.07
N VAL B 66 3.38 -22.58 1.20
CA VAL B 66 4.73 -22.24 1.57
C VAL B 66 5.47 -23.40 2.23
N ARG B 67 4.72 -24.46 2.53
CA ARG B 67 5.28 -25.63 3.20
C ARG B 67 6.46 -26.26 2.46
N ASP B 68 7.40 -26.80 3.25
CA ASP B 68 8.58 -27.46 2.74
C ASP B 68 9.53 -26.60 1.96
N ARG B 69 9.16 -25.34 1.73
CA ARG B 69 10.00 -24.41 1.00
C ARG B 69 10.60 -23.37 1.93
N PHE B 70 9.77 -22.76 2.77
CA PHE B 70 10.25 -21.74 3.71
C PHE B 70 10.61 -22.35 5.07
N THR B 71 11.33 -21.60 5.89
CA THR B 71 11.71 -22.10 7.20
C THR B 71 11.77 -21.01 8.26
N ILE B 72 10.75 -20.99 9.11
CA ILE B 72 10.69 -20.01 10.18
C ILE B 72 11.55 -20.51 11.34
N SER B 73 12.25 -19.60 11.98
CA SER B 73 13.09 -19.95 13.10
C SER B 73 13.21 -18.68 13.94
N ARG B 74 13.87 -18.77 15.08
CA ARG B 74 13.99 -17.61 15.94
C ARG B 74 15.23 -17.72 16.80
N ASP B 75 15.56 -16.62 17.45
CA ASP B 75 16.71 -16.55 18.35
C ASP B 75 16.24 -15.71 19.54
N ASP B 76 15.68 -16.38 20.54
CA ASP B 76 15.18 -15.71 21.74
C ASP B 76 16.21 -14.82 22.43
N SER B 77 17.49 -15.21 22.38
CA SER B 77 18.53 -14.42 23.04
C SER B 77 18.88 -13.12 22.32
N GLN B 78 18.55 -13.04 21.02
CA GLN B 78 18.83 -11.84 20.24
C GLN B 78 17.53 -11.15 19.85
N SER B 79 16.41 -11.83 20.09
CA SER B 79 15.07 -11.31 19.77
C SER B 79 14.92 -11.14 18.25
N MET B 80 15.47 -12.10 17.51
CA MET B 80 15.41 -12.09 16.06
C MET B 80 14.52 -13.20 15.54
N LEU B 81 13.70 -12.87 14.55
CA LEU B 81 12.80 -13.82 13.91
C LEU B 81 13.29 -13.94 12.46
N TYR B 82 13.43 -15.16 11.95
CA TYR B 82 13.92 -15.33 10.57
C TYR B 82 12.97 -16.12 9.69
N LEU B 83 13.02 -15.87 8.38
CA LEU B 83 12.21 -16.60 7.41
C LEU B 83 13.15 -16.89 6.24
N GLN B 84 13.68 -18.11 6.22
CA GLN B 84 14.57 -18.55 5.16
C GLN B 84 13.67 -19.06 4.06
N MET B 85 13.73 -18.42 2.90
CA MET B 85 12.90 -18.78 1.76
C MET B 85 13.74 -19.49 0.70
N ASN B 86 13.26 -20.63 0.22
CA ASN B 86 13.97 -21.40 -0.80
C ASN B 86 13.03 -21.69 -1.95
N ASN B 87 13.60 -22.11 -3.08
CA ASN B 87 12.82 -22.42 -4.28
C ASN B 87 11.76 -21.36 -4.53
N LEU B 88 12.16 -20.10 -4.38
CA LEU B 88 11.29 -18.97 -4.57
C LEU B 88 10.56 -19.04 -5.89
N LYS B 89 9.35 -18.49 -5.91
CA LYS B 89 8.52 -18.51 -7.09
C LYS B 89 7.95 -17.10 -7.25
N THR B 90 7.47 -16.77 -8.43
CA THR B 90 6.93 -15.43 -8.68
C THR B 90 5.79 -15.10 -7.72
N GLU B 91 5.03 -16.12 -7.35
CA GLU B 91 3.90 -15.96 -6.44
C GLU B 91 4.31 -15.36 -5.10
N ASP B 92 5.56 -15.57 -4.72
CA ASP B 92 6.09 -15.08 -3.46
C ASP B 92 6.46 -13.61 -3.47
N THR B 93 6.13 -12.90 -4.54
CA THR B 93 6.43 -11.49 -4.61
C THR B 93 5.42 -10.78 -3.73
N GLY B 94 5.90 -9.81 -2.95
CA GLY B 94 5.02 -9.05 -2.08
C GLY B 94 5.75 -8.47 -0.89
N ILE B 95 5.00 -7.87 0.04
CA ILE B 95 5.59 -7.32 1.25
C ILE B 95 5.41 -8.39 2.33
N TYR B 96 6.43 -8.56 3.15
CA TYR B 96 6.41 -9.54 4.22
C TYR B 96 6.41 -8.82 5.54
N TYR B 97 5.37 -9.07 6.31
CA TYR B 97 5.18 -8.46 7.61
C TYR B 97 5.62 -9.40 8.72
N CYS B 98 6.19 -8.82 9.75
CA CYS B 98 6.64 -9.55 10.93
C CYS B 98 5.56 -9.24 11.97
N VAL B 99 4.82 -10.27 12.37
CA VAL B 99 3.70 -10.11 13.30
C VAL B 99 3.86 -10.82 14.65
N ARG B 100 3.68 -10.08 15.75
CA ARG B 100 3.72 -10.67 17.09
C ARG B 100 2.32 -11.25 17.32
N GLY B 101 2.21 -12.56 17.51
CA GLY B 101 0.88 -13.14 17.67
C GLY B 101 0.66 -14.05 18.86
N ARG B 102 0.22 -13.46 19.97
CA ARG B 102 -0.05 -14.19 21.22
C ARG B 102 -0.99 -15.37 21.00
N ASP B 103 -0.52 -16.58 21.33
CA ASP B 103 -1.32 -17.79 21.16
C ASP B 103 -2.53 -17.86 22.08
N GLY B 104 -3.71 -17.70 21.49
CA GLY B 104 -4.97 -17.71 22.21
C GLY B 104 -5.79 -16.46 21.93
N GLU B 105 -5.09 -15.36 21.67
CA GLU B 105 -5.71 -14.06 21.39
C GLU B 105 -5.75 -13.72 19.89
N ALA B 106 -4.88 -12.80 19.46
CA ALA B 106 -4.80 -12.38 18.06
C ALA B 106 -3.43 -11.75 17.70
N MET B 107 -3.28 -11.37 16.44
CA MET B 107 -2.04 -10.78 15.95
C MET B 107 -1.91 -9.31 16.35
N ASP B 108 -1.23 -9.15 17.48
CA ASP B 108 -0.97 -7.89 18.15
C ASP B 108 -0.31 -6.79 17.33
N TYR B 109 1.00 -6.91 17.14
CA TYR B 109 1.75 -5.89 16.41
C TYR B 109 2.40 -6.43 15.14
N TRP B 110 2.34 -5.62 14.09
CA TRP B 110 2.92 -5.98 12.80
C TRP B 110 4.07 -5.03 12.53
N GLY B 111 5.07 -5.48 11.78
CA GLY B 111 6.17 -4.61 11.45
C GLY B 111 5.79 -3.68 10.31
N GLN B 112 6.76 -2.95 9.77
CA GLN B 112 6.48 -2.05 8.66
C GLN B 112 6.57 -2.79 7.33
N GLY B 113 7.13 -3.99 7.35
CA GLY B 113 7.24 -4.80 6.14
C GLY B 113 8.53 -4.64 5.36
N THR B 114 8.81 -5.60 4.49
CA THR B 114 10.00 -5.56 3.65
C THR B 114 9.58 -6.17 2.31
N THR B 115 9.83 -5.44 1.22
CA THR B 115 9.45 -5.90 -0.12
C THR B 115 10.34 -6.98 -0.70
N LEU B 116 9.72 -7.91 -1.40
CA LEU B 116 10.43 -9.00 -2.02
C LEU B 116 9.84 -9.17 -3.41
N THR B 117 10.69 -9.08 -4.42
CA THR B 117 10.27 -9.23 -5.81
C THR B 117 11.00 -10.43 -6.39
N VAL B 118 10.24 -11.32 -7.01
CA VAL B 118 10.82 -12.50 -7.64
C VAL B 118 10.64 -12.35 -9.14
N SER B 119 11.75 -12.05 -9.82
CA SER B 119 11.80 -11.86 -11.27
C SER B 119 13.20 -12.04 -11.80
N SER B 120 13.30 -12.34 -13.09
CA SER B 120 14.58 -12.51 -13.76
C SER B 120 15.10 -11.17 -14.28
N ALA B 121 14.22 -10.17 -14.30
CA ALA B 121 14.58 -8.83 -14.75
C ALA B 121 15.76 -8.32 -13.91
N LYS B 122 16.28 -7.15 -14.26
CA LYS B 122 17.43 -6.61 -13.55
C LYS B 122 17.23 -5.23 -12.95
N THR B 123 18.03 -4.92 -11.95
CA THR B 123 17.95 -3.65 -11.28
C THR B 123 18.31 -2.53 -12.24
N THR B 124 17.40 -1.56 -12.36
CA THR B 124 17.59 -0.44 -13.23
C THR B 124 17.33 0.84 -12.45
N PRO B 125 18.32 1.74 -12.41
CA PRO B 125 18.19 3.00 -11.69
C PRO B 125 17.08 3.89 -12.28
N PRO B 126 16.44 4.72 -11.44
CA PRO B 126 15.37 5.59 -11.92
C PRO B 126 15.93 6.91 -12.44
N SER B 127 15.23 7.48 -13.41
CA SER B 127 15.61 8.75 -13.99
C SER B 127 14.67 9.80 -13.41
N VAL B 128 15.25 10.74 -12.67
CA VAL B 128 14.45 11.80 -12.06
C VAL B 128 14.47 13.06 -12.90
N TYR B 129 13.28 13.46 -13.38
CA TYR B 129 13.11 14.65 -14.21
C TYR B 129 12.32 15.70 -13.43
N PRO B 130 12.83 16.93 -13.38
CA PRO B 130 12.17 18.03 -12.66
C PRO B 130 11.04 18.65 -13.47
N LEU B 131 9.81 18.47 -13.01
CA LEU B 131 8.64 19.03 -13.69
C LEU B 131 8.39 20.44 -13.16
N ALA B 132 8.84 21.43 -13.92
CA ALA B 132 8.66 22.83 -13.54
C ALA B 132 7.55 23.42 -14.41
N PRO B 133 6.81 24.41 -13.87
CA PRO B 133 5.72 25.06 -14.60
C PRO B 133 6.12 25.56 -15.99
N MET B 142 -0.06 29.90 -4.82
CA MET B 142 -0.12 28.45 -4.92
C MET B 142 0.25 27.96 -6.31
N VAL B 143 1.45 27.41 -6.45
CA VAL B 143 1.91 26.87 -7.73
C VAL B 143 2.38 25.43 -7.55
N THR B 144 1.88 24.56 -8.41
CA THR B 144 2.22 23.15 -8.37
C THR B 144 3.51 22.86 -9.12
N LEU B 145 4.34 22.01 -8.53
CA LEU B 145 5.59 21.60 -9.13
C LEU B 145 5.51 20.09 -9.03
N GLY B 146 6.21 19.38 -9.91
CA GLY B 146 6.17 17.93 -9.86
C GLY B 146 7.54 17.34 -10.00
N CYS B 147 7.61 16.02 -9.98
CA CYS B 147 8.88 15.32 -10.13
C CYS B 147 8.55 14.00 -10.80
N LEU B 148 9.24 13.72 -11.89
CA LEU B 148 9.01 12.49 -12.64
C LEU B 148 10.11 11.47 -12.37
N VAL B 149 9.73 10.38 -11.73
CA VAL B 149 10.65 9.31 -11.40
C VAL B 149 10.23 8.20 -12.34
N LYS B 150 10.96 8.01 -13.44
CA LYS B 150 10.55 6.97 -14.37
C LYS B 150 11.65 6.03 -14.83
N GLY B 151 11.24 4.83 -15.23
CA GLY B 151 12.15 3.83 -15.74
C GLY B 151 13.04 3.09 -14.78
N TYR B 152 12.52 2.78 -13.60
CA TYR B 152 13.31 2.05 -12.61
C TYR B 152 12.77 0.65 -12.37
N PHE B 153 13.54 -0.14 -11.62
CA PHE B 153 13.15 -1.50 -11.27
C PHE B 153 14.18 -2.04 -10.32
N PRO B 154 13.75 -2.77 -9.27
CA PRO B 154 12.34 -3.06 -8.98
C PRO B 154 11.74 -2.02 -8.05
N GLU B 155 10.50 -2.25 -7.66
CA GLU B 155 9.80 -1.39 -6.72
C GLU B 155 10.41 -1.79 -5.36
N PRO B 156 10.39 -0.89 -4.36
CA PRO B 156 9.86 0.46 -4.33
C PRO B 156 10.89 1.57 -4.47
N VAL B 157 10.39 2.80 -4.45
CA VAL B 157 11.18 4.02 -4.57
C VAL B 157 10.62 4.93 -3.49
N THR B 158 11.48 5.74 -2.88
CA THR B 158 11.05 6.63 -1.83
C THR B 158 11.18 8.07 -2.29
N VAL B 159 10.07 8.79 -2.35
CA VAL B 159 10.07 10.17 -2.77
C VAL B 159 9.69 11.11 -1.63
N THR B 160 10.48 12.16 -1.43
CA THR B 160 10.21 13.15 -0.38
C THR B 160 10.54 14.52 -0.95
N TRP B 161 9.97 15.56 -0.35
CA TRP B 161 10.23 16.93 -0.80
C TRP B 161 10.94 17.71 0.30
N ASN B 162 12.07 18.33 -0.04
CA ASN B 162 12.88 19.10 0.91
C ASN B 162 13.30 18.26 2.11
N SER B 163 13.64 17.00 1.83
CA SER B 163 14.08 16.06 2.84
C SER B 163 13.00 15.70 3.88
N GLY B 164 11.89 16.44 3.87
CA GLY B 164 10.82 16.18 4.81
C GLY B 164 10.01 17.40 5.20
N SER B 165 10.58 18.59 5.05
CA SER B 165 9.87 19.80 5.42
C SER B 165 8.57 19.96 4.63
N LEU B 166 8.54 19.39 3.43
CA LEU B 166 7.36 19.45 2.59
C LEU B 166 6.63 18.12 2.60
N SER B 167 5.60 18.03 3.43
CA SER B 167 4.78 16.83 3.56
C SER B 167 3.34 17.13 3.18
N SER B 168 2.91 18.36 3.40
CA SER B 168 1.56 18.78 3.06
C SER B 168 1.51 19.28 1.62
N GLY B 169 0.40 19.00 0.93
CA GLY B 169 0.26 19.42 -0.45
C GLY B 169 0.96 18.50 -1.42
N VAL B 170 1.53 17.43 -0.88
CA VAL B 170 2.25 16.44 -1.68
C VAL B 170 1.32 15.29 -2.05
N HIS B 171 1.49 14.74 -3.24
CA HIS B 171 0.71 13.61 -3.73
C HIS B 171 1.67 12.73 -4.49
N THR B 172 1.95 11.54 -3.99
CA THR B 172 2.83 10.62 -4.69
C THR B 172 1.92 9.53 -5.23
N PHE B 173 1.80 9.48 -6.55
CA PHE B 173 0.93 8.52 -7.20
C PHE B 173 1.59 7.15 -7.27
N PRO B 174 0.81 6.08 -7.05
CA PRO B 174 1.36 4.74 -7.11
C PRO B 174 2.08 4.50 -8.43
N ALA B 175 3.19 3.78 -8.39
CA ALA B 175 3.96 3.49 -9.59
C ALA B 175 3.11 2.62 -10.51
N VAL B 176 3.38 2.71 -11.81
CA VAL B 176 2.67 1.92 -12.82
C VAL B 176 3.71 1.14 -13.61
N LEU B 177 3.51 -0.16 -13.78
CA LEU B 177 4.45 -1.00 -14.52
C LEU B 177 4.19 -0.86 -16.01
N GLN B 178 5.26 -0.73 -16.79
CA GLN B 178 5.12 -0.56 -18.23
C GLN B 178 6.40 -0.99 -18.91
N SER B 179 6.28 -2.01 -19.76
CA SER B 179 7.41 -2.54 -20.52
C SER B 179 8.60 -2.84 -19.60
N ASP B 180 8.38 -3.71 -18.63
CA ASP B 180 9.42 -4.11 -17.67
C ASP B 180 9.94 -3.01 -16.72
N LEU B 181 9.52 -1.77 -16.91
CA LEU B 181 9.98 -0.68 -16.04
C LEU B 181 8.82 0.08 -15.36
N TYR B 182 9.10 0.66 -14.19
CA TYR B 182 8.13 1.43 -13.44
C TYR B 182 8.27 2.93 -13.67
N THR B 183 7.16 3.64 -13.56
CA THR B 183 7.14 5.08 -13.72
C THR B 183 6.26 5.59 -12.59
N LEU B 184 6.72 6.65 -11.94
CA LEU B 184 6.04 7.25 -10.81
C LEU B 184 6.20 8.76 -10.83
N SER B 185 5.20 9.48 -10.33
CA SER B 185 5.24 10.93 -10.27
C SER B 185 4.86 11.37 -8.87
N SER B 186 5.30 12.57 -8.51
CA SER B 186 5.02 13.17 -7.20
C SER B 186 4.84 14.67 -7.43
N SER B 187 3.75 15.22 -6.90
CA SER B 187 3.46 16.65 -7.05
C SER B 187 3.45 17.35 -5.71
N VAL B 188 3.80 18.62 -5.72
CA VAL B 188 3.80 19.41 -4.49
C VAL B 188 3.23 20.78 -4.78
N THR B 189 2.40 21.29 -3.87
CA THR B 189 1.81 22.61 -4.04
C THR B 189 2.27 23.53 -2.93
N VAL B 190 2.96 24.59 -3.31
CA VAL B 190 3.47 25.57 -2.37
C VAL B 190 2.97 26.95 -2.76
N PRO B 191 2.84 27.88 -1.79
CA PRO B 191 2.36 29.24 -2.09
C PRO B 191 3.25 29.94 -3.10
N SER B 192 2.65 30.79 -3.91
CA SER B 192 3.37 31.52 -4.95
C SER B 192 4.61 32.24 -4.44
N SER B 193 4.59 32.65 -3.18
CA SER B 193 5.72 33.36 -2.60
C SER B 193 7.01 32.53 -2.48
N PRO B 194 6.99 31.41 -1.72
CA PRO B 194 8.17 30.56 -1.54
C PRO B 194 8.69 29.77 -2.75
N ARG B 195 8.63 30.39 -3.93
CA ARG B 195 9.11 29.77 -5.16
C ARG B 195 9.04 30.84 -6.25
N PRO B 196 10.15 31.09 -6.97
CA PRO B 196 11.46 30.45 -6.81
C PRO B 196 12.34 31.04 -5.70
N SER B 197 11.74 31.83 -4.81
CA SER B 197 12.48 32.47 -3.72
C SER B 197 13.03 31.46 -2.72
N GLU B 198 12.22 30.48 -2.35
CA GLU B 198 12.65 29.45 -1.42
C GLU B 198 12.86 28.16 -2.21
N THR B 199 14.03 27.55 -2.03
CA THR B 199 14.38 26.31 -2.74
C THR B 199 13.45 25.14 -2.46
N VAL B 200 13.05 24.46 -3.54
CA VAL B 200 12.20 23.29 -3.44
C VAL B 200 12.99 22.16 -4.11
N THR B 201 13.24 21.08 -3.37
CA THR B 201 13.99 19.95 -3.91
C THR B 201 13.17 18.67 -3.85
N CYS B 202 13.40 17.82 -4.85
CA CYS B 202 12.74 16.54 -4.96
C CYS B 202 13.81 15.53 -4.56
N ASN B 203 13.57 14.78 -3.49
CA ASN B 203 14.53 13.79 -3.00
C ASN B 203 13.99 12.42 -3.38
N VAL B 204 14.79 11.66 -4.11
CA VAL B 204 14.40 10.32 -4.57
C VAL B 204 15.45 9.29 -4.16
N ALA B 205 14.99 8.12 -3.72
CA ALA B 205 15.89 7.05 -3.29
C ALA B 205 15.38 5.70 -3.79
N HIS B 206 16.27 4.95 -4.43
CA HIS B 206 15.93 3.64 -4.98
C HIS B 206 16.91 2.67 -4.33
N PRO B 207 16.54 2.09 -3.18
CA PRO B 207 17.37 1.14 -2.44
C PRO B 207 18.03 0.05 -3.29
N ALA B 208 17.25 -0.59 -4.15
CA ALA B 208 17.74 -1.67 -5.00
C ALA B 208 19.00 -1.38 -5.82
N SER B 209 19.39 -0.10 -5.89
CA SER B 209 20.58 0.28 -6.63
C SER B 209 21.31 1.41 -5.90
N SER B 210 21.13 1.45 -4.57
CA SER B 210 21.74 2.48 -3.73
C SER B 210 21.78 3.87 -4.39
N THR B 211 20.65 4.26 -4.97
CA THR B 211 20.51 5.55 -5.65
C THR B 211 19.85 6.60 -4.75
N LYS B 212 20.30 7.84 -4.88
CA LYS B 212 19.73 8.97 -4.13
C LYS B 212 20.01 10.25 -4.93
N VAL B 213 18.95 10.93 -5.34
CA VAL B 213 19.10 12.14 -6.12
C VAL B 213 18.29 13.29 -5.54
N ASP B 214 18.91 14.45 -5.40
CA ASP B 214 18.24 15.64 -4.90
C ASP B 214 18.02 16.52 -6.11
N LYS B 215 16.83 16.48 -6.68
CA LYS B 215 16.52 17.26 -7.86
C LYS B 215 15.79 18.56 -7.50
N LYS B 216 16.54 19.66 -7.47
CA LYS B 216 15.97 20.97 -7.16
C LYS B 216 15.11 21.44 -8.33
N ILE B 217 13.84 21.72 -8.06
CA ILE B 217 12.94 22.19 -9.11
C ILE B 217 13.30 23.66 -9.31
N VAL B 218 14.16 23.93 -10.28
CA VAL B 218 14.59 25.29 -10.56
C VAL B 218 13.95 25.80 -11.85
N ASN B 219 13.61 27.09 -11.85
CA ASN B 219 13.01 27.81 -12.97
C ASN B 219 12.28 28.98 -12.33
N CYS C 1 0.02 -28.97 23.78
CA CYS C 1 0.87 -27.99 23.12
C CYS C 1 1.21 -28.46 21.71
N LYS C 2 0.47 -29.46 21.25
CA LYS C 2 0.68 -30.03 19.91
C LYS C 2 -0.34 -29.40 18.96
N GLU C 3 -1.50 -29.06 19.51
CA GLU C 3 -2.58 -28.49 18.73
C GLU C 3 -2.46 -26.98 18.55
N TRP C 4 -2.82 -26.52 17.37
CA TRP C 4 -2.80 -25.11 16.98
C TRP C 4 -3.49 -24.23 18.03
N LEU C 5 -4.64 -24.71 18.51
CA LEU C 5 -5.44 -24.01 19.48
C LEU C 5 -4.90 -24.05 20.92
N SER C 6 -3.83 -24.80 21.15
CA SER C 6 -3.25 -24.91 22.49
C SER C 6 -2.96 -23.54 23.09
N THR C 7 -2.93 -23.48 24.41
CA THR C 7 -2.66 -22.24 25.13
C THR C 7 -1.98 -22.58 26.45
N ALA C 8 -2.10 -23.84 26.85
CA ALA C 8 -1.48 -24.33 28.07
C ALA C 8 -0.11 -24.85 27.64
N PRO C 9 0.98 -24.29 28.19
CA PRO C 9 2.36 -24.67 27.86
C PRO C 9 2.67 -26.14 28.13
N CYS C 10 3.96 -26.47 28.08
CA CYS C 10 4.44 -27.82 28.31
C CYS C 10 5.97 -27.82 28.26
N GLY C 11 6.54 -28.92 27.76
CA GLY C 11 7.97 -29.05 27.65
C GLY C 11 8.32 -30.48 27.32
#